data_3MGG
#
_entry.id   3MGG
#
_cell.length_a   46.805
_cell.length_b   56.019
_cell.length_c   234.607
_cell.angle_alpha   90.00
_cell.angle_beta   90.00
_cell.angle_gamma   90.00
#
_symmetry.space_group_name_H-M   'P 21 21 21'
#
loop_
_entity.id
_entity.type
_entity.pdbx_description
1 polymer Methyltransferase
2 water water
#
_entity_poly.entity_id   1
_entity_poly.type   'polypeptide(L)'
_entity_poly.pdbx_seq_one_letter_code
;(MSE)SLTEYVHGYSEREALRLSEQAETLEKLLHHDTVYPPGAKVLEAGCGIGAQTVILAKNNPDAEITSIDISPESLEK
ARENTEKNGIKNVKFLQANIFSLPFEDSSFDHIFVCFVLEHLQSPEEALKSLKKVLKPGGTITVIEGDHGSCYFHPEGKK
AIEAWNCLIRVQAY(MSE)KGNSLVGRQIYPLLQESGFEKIRVEPR(MSE)VYIDSSKPELVDGFILKTIIP(MSE)VEG
VKEQSLK(MSE)QIIKEEEWEKGIEELHKTAEHGGTFCYTFFKGWGTKEGHHHHHH
;
_entity_poly.pdbx_strand_id   A,B
#
# COMPACT_ATOMS: atom_id res chain seq x y z
N GLU A 23 -19.19 -0.41 -6.27
CA GLU A 23 -18.81 0.79 -5.45
C GLU A 23 -17.35 1.11 -5.66
N THR A 24 -16.70 1.63 -4.63
CA THR A 24 -15.29 1.96 -4.80
C THR A 24 -14.41 0.74 -5.05
N LEU A 25 -14.74 -0.42 -4.47
CA LEU A 25 -13.92 -1.61 -4.71
C LEU A 25 -14.16 -2.06 -6.15
N GLU A 26 -15.42 -2.02 -6.59
CA GLU A 26 -15.75 -2.39 -7.95
C GLU A 26 -15.04 -1.45 -8.92
N LYS A 27 -15.04 -0.16 -8.61
CA LYS A 27 -14.38 0.81 -9.48
C LYS A 27 -12.86 0.73 -9.34
N LEU A 28 -12.40 0.50 -8.11
CA LEU A 28 -10.96 0.41 -7.88
C LEU A 28 -10.32 -0.71 -8.69
N LEU A 29 -10.94 -1.88 -8.68
CA LEU A 29 -10.36 -3.02 -9.39
C LEU A 29 -10.76 -3.23 -10.85
N HIS A 30 -11.96 -2.78 -11.23
CA HIS A 30 -12.43 -3.05 -12.58
C HIS A 30 -12.68 -1.90 -13.53
N HIS A 31 -12.56 -0.67 -13.03
CA HIS A 31 -12.82 0.49 -13.88
C HIS A 31 -12.07 0.52 -15.20
N ASP A 32 -10.82 0.10 -15.20
CA ASP A 32 -10.01 0.12 -16.40
C ASP A 32 -10.04 -1.15 -17.26
N THR A 33 -10.77 -2.17 -16.83
CA THR A 33 -10.84 -3.39 -17.63
C THR A 33 -12.03 -3.28 -18.57
N VAL A 34 -11.77 -2.66 -19.72
CA VAL A 34 -12.77 -2.45 -20.75
C VAL A 34 -12.10 -2.84 -22.05
N TYR A 35 -12.62 -3.88 -22.68
CA TYR A 35 -12.07 -4.40 -23.93
C TYR A 35 -12.82 -3.83 -25.13
N PRO A 36 -12.25 -3.95 -26.34
CA PRO A 36 -12.89 -3.44 -27.54
C PRO A 36 -14.21 -4.17 -27.77
N PRO A 37 -15.16 -3.53 -28.47
CA PRO A 37 -16.44 -4.19 -28.72
C PRO A 37 -16.22 -5.46 -29.54
N GLY A 38 -16.92 -6.53 -29.18
CA GLY A 38 -16.81 -7.78 -29.90
C GLY A 38 -15.65 -8.69 -29.52
N ALA A 39 -14.84 -8.26 -28.56
CA ALA A 39 -13.70 -9.06 -28.13
C ALA A 39 -14.15 -10.37 -27.48
N LYS A 40 -13.43 -11.45 -27.80
CA LYS A 40 -13.72 -12.76 -27.23
C LYS A 40 -12.88 -12.85 -25.97
N VAL A 41 -13.55 -12.83 -24.82
CA VAL A 41 -12.86 -12.83 -23.55
C VAL A 41 -13.12 -14.08 -22.72
N LEU A 42 -12.05 -14.68 -22.21
CA LEU A 42 -12.17 -15.86 -21.38
C LEU A 42 -11.93 -15.47 -19.93
N GLU A 43 -12.92 -15.69 -19.07
CA GLU A 43 -12.77 -15.41 -17.65
C GLU A 43 -12.40 -16.77 -17.04
N ALA A 44 -11.13 -16.91 -16.64
CA ALA A 44 -10.55 -18.14 -16.09
C ALA A 44 -11.31 -18.90 -15.00
N GLY A 45 -11.56 -18.26 -13.86
CA GLY A 45 -12.26 -18.96 -12.78
C GLY A 45 -13.34 -18.06 -12.22
N CYS A 46 -14.48 -18.03 -12.88
CA CYS A 46 -15.59 -17.17 -12.49
C CYS A 46 -16.23 -17.50 -11.14
N GLY A 47 -16.01 -18.71 -10.66
CA GLY A 47 -16.59 -19.10 -9.40
C GLY A 47 -18.09 -18.86 -9.38
N ILE A 48 -18.54 -18.06 -8.43
CA ILE A 48 -19.96 -17.73 -8.24
C ILE A 48 -20.47 -16.57 -9.11
N GLY A 49 -19.62 -16.08 -10.01
CA GLY A 49 -20.02 -14.99 -10.89
C GLY A 49 -19.93 -13.60 -10.31
N ALA A 50 -19.28 -13.47 -9.16
CA ALA A 50 -19.13 -12.17 -8.51
C ALA A 50 -18.45 -11.14 -9.42
N GLN A 51 -17.38 -11.53 -10.11
CA GLN A 51 -16.70 -10.60 -11.00
C GLN A 51 -17.28 -10.67 -12.41
N THR A 52 -17.96 -11.78 -12.72
CA THR A 52 -18.57 -11.95 -14.03
C THR A 52 -19.56 -10.82 -14.29
N VAL A 53 -20.42 -10.55 -13.30
CA VAL A 53 -21.41 -9.48 -13.44
C VAL A 53 -20.76 -8.13 -13.75
N ILE A 54 -19.69 -7.80 -13.03
CA ILE A 54 -18.98 -6.54 -13.24
C ILE A 54 -18.32 -6.50 -14.62
N LEU A 55 -17.65 -7.59 -14.98
CA LEU A 55 -16.98 -7.70 -16.26
C LEU A 55 -17.96 -7.54 -17.42
N ALA A 56 -19.12 -8.19 -17.30
CA ALA A 56 -20.15 -8.14 -18.34
C ALA A 56 -20.79 -6.76 -18.49
N LYS A 57 -21.05 -6.10 -17.36
CA LYS A 57 -21.66 -4.78 -17.41
C LYS A 57 -20.68 -3.76 -17.98
N ASN A 58 -19.39 -3.95 -17.74
CA ASN A 58 -18.38 -3.03 -18.25
C ASN A 58 -18.12 -3.29 -19.73
N ASN A 59 -18.40 -4.52 -20.16
CA ASN A 59 -18.19 -4.94 -21.53
C ASN A 59 -19.41 -5.63 -22.13
N PRO A 60 -20.50 -4.87 -22.33
CA PRO A 60 -21.76 -5.37 -22.90
C PRO A 60 -21.62 -5.99 -24.28
N ASP A 61 -20.64 -5.53 -25.05
CA ASP A 61 -20.45 -6.04 -26.40
C ASP A 61 -19.35 -7.09 -26.54
N ALA A 62 -18.82 -7.55 -25.42
CA ALA A 62 -17.79 -8.57 -25.49
C ALA A 62 -18.49 -9.92 -25.52
N GLU A 63 -17.77 -10.92 -26.01
CA GLU A 63 -18.27 -12.30 -26.06
C GLU A 63 -17.51 -12.94 -24.91
N ILE A 64 -18.17 -13.06 -23.76
CA ILE A 64 -17.51 -13.60 -22.60
C ILE A 64 -17.76 -15.09 -22.36
N THR A 65 -16.66 -15.83 -22.23
CA THR A 65 -16.74 -17.24 -21.94
C THR A 65 -16.22 -17.32 -20.52
N SER A 66 -17.05 -17.77 -19.59
CA SER A 66 -16.65 -17.87 -18.18
C SER A 66 -16.58 -19.33 -17.74
N ILE A 67 -15.40 -19.76 -17.31
CA ILE A 67 -15.24 -21.14 -16.89
C ILE A 67 -14.94 -21.32 -15.42
N ASP A 68 -15.24 -22.52 -14.95
CA ASP A 68 -14.96 -22.89 -13.57
C ASP A 68 -14.97 -24.40 -13.56
N ILE A 69 -14.22 -24.98 -12.64
CA ILE A 69 -14.14 -26.43 -12.53
C ILE A 69 -15.43 -27.05 -11.97
N SER A 70 -16.18 -26.24 -11.24
CA SER A 70 -17.40 -26.71 -10.59
C SER A 70 -18.76 -26.35 -11.17
N PRO A 71 -19.58 -27.36 -11.51
CA PRO A 71 -20.91 -27.16 -12.07
C PRO A 71 -21.81 -26.40 -11.10
N GLU A 72 -21.64 -26.65 -9.80
CA GLU A 72 -22.45 -25.96 -8.80
C GLU A 72 -22.17 -24.47 -8.76
N SER A 73 -20.90 -24.10 -8.84
CA SER A 73 -20.55 -22.69 -8.85
C SER A 73 -21.11 -22.04 -10.11
N LEU A 74 -21.04 -22.77 -11.22
CA LEU A 74 -21.54 -22.30 -12.49
C LEU A 74 -23.05 -22.06 -12.47
N GLU A 75 -23.75 -22.87 -11.70
CA GLU A 75 -25.19 -22.70 -11.60
C GLU A 75 -25.51 -21.43 -10.82
N LYS A 76 -24.73 -21.16 -9.78
CA LYS A 76 -24.94 -19.96 -8.99
C LYS A 76 -24.54 -18.73 -9.79
N ALA A 77 -23.55 -18.88 -10.66
CA ALA A 77 -23.07 -17.77 -11.48
C ALA A 77 -24.14 -17.43 -12.52
N ARG A 78 -24.77 -18.47 -13.08
CA ARG A 78 -25.81 -18.29 -14.07
C ARG A 78 -26.96 -17.49 -13.45
N GLU A 79 -27.37 -17.88 -12.24
CA GLU A 79 -28.45 -17.19 -11.56
C GLU A 79 -28.09 -15.74 -11.30
N ASN A 80 -26.82 -15.50 -11.01
CA ASN A 80 -26.32 -14.16 -10.74
C ASN A 80 -26.41 -13.29 -12.00
N THR A 81 -25.96 -13.82 -13.13
CA THR A 81 -26.02 -13.05 -14.37
C THR A 81 -27.45 -12.86 -14.87
N GLU A 82 -28.31 -13.86 -14.68
CA GLU A 82 -29.69 -13.74 -15.11
C GLU A 82 -30.38 -12.67 -14.27
N LYS A 83 -30.06 -12.66 -12.98
CA LYS A 83 -30.61 -11.70 -12.04
C LYS A 83 -30.25 -10.28 -12.45
N ASN A 84 -29.14 -10.14 -13.19
CA ASN A 84 -28.69 -8.84 -13.64
C ASN A 84 -28.97 -8.58 -15.12
N GLY A 85 -29.79 -9.44 -15.71
CA GLY A 85 -30.16 -9.28 -17.11
C GLY A 85 -29.03 -9.35 -18.11
N ILE A 86 -27.93 -10.01 -17.75
CA ILE A 86 -26.78 -10.15 -18.63
C ILE A 86 -27.06 -11.18 -19.71
N LYS A 87 -26.69 -10.86 -20.95
CA LYS A 87 -26.95 -11.75 -22.08
C LYS A 87 -25.72 -12.21 -22.86
N ASN A 88 -24.54 -11.67 -22.52
CA ASN A 88 -23.34 -12.01 -23.27
C ASN A 88 -22.33 -12.92 -22.61
N VAL A 89 -22.79 -13.75 -21.67
CA VAL A 89 -21.90 -14.65 -20.98
C VAL A 89 -22.30 -16.12 -21.13
N LYS A 90 -21.34 -16.94 -21.54
CA LYS A 90 -21.57 -18.37 -21.66
C LYS A 90 -20.75 -19.04 -20.56
N PHE A 91 -21.42 -19.80 -19.69
CA PHE A 91 -20.74 -20.49 -18.59
C PHE A 91 -20.41 -21.94 -18.97
N LEU A 92 -19.13 -22.26 -19.00
CA LEU A 92 -18.68 -23.59 -19.37
C LEU A 92 -17.86 -24.25 -18.27
N GLN A 93 -18.07 -25.54 -18.05
CA GLN A 93 -17.30 -26.26 -17.04
C GLN A 93 -16.00 -26.60 -17.75
N ALA A 94 -14.87 -26.21 -17.16
CA ALA A 94 -13.56 -26.47 -17.75
C ALA A 94 -12.46 -26.48 -16.70
N ASN A 95 -11.36 -27.14 -17.05
CA ASN A 95 -10.18 -27.26 -16.18
C ASN A 95 -9.02 -26.47 -16.78
N ILE A 96 -8.52 -25.47 -16.05
CA ILE A 96 -7.42 -24.64 -16.53
C ILE A 96 -6.21 -25.41 -17.07
N PHE A 97 -5.89 -26.54 -16.44
CA PHE A 97 -4.75 -27.35 -16.87
C PHE A 97 -5.00 -28.26 -18.06
N SER A 98 -6.24 -28.33 -18.52
CA SER A 98 -6.60 -29.15 -19.68
C SER A 98 -7.80 -28.53 -20.36
N LEU A 99 -7.60 -27.31 -20.85
CA LEU A 99 -8.65 -26.56 -21.53
C LEU A 99 -9.07 -27.24 -22.83
N PRO A 100 -10.37 -27.15 -23.16
CA PRO A 100 -10.92 -27.76 -24.38
C PRO A 100 -10.82 -26.87 -25.62
N PHE A 101 -10.55 -25.60 -25.40
CA PHE A 101 -10.47 -24.63 -26.47
C PHE A 101 -9.27 -24.73 -27.41
N GLU A 102 -9.48 -24.30 -28.65
CA GLU A 102 -8.42 -24.31 -29.65
C GLU A 102 -7.37 -23.32 -29.20
N ASP A 103 -6.12 -23.60 -29.51
CA ASP A 103 -5.04 -22.67 -29.15
C ASP A 103 -5.26 -21.38 -29.92
N SER A 104 -4.84 -20.28 -29.30
CA SER A 104 -4.95 -18.96 -29.90
C SER A 104 -6.35 -18.62 -30.41
N SER A 105 -7.36 -18.78 -29.56
CA SER A 105 -8.73 -18.49 -29.95
C SER A 105 -9.38 -17.33 -29.22
N PHE A 106 -8.81 -16.90 -28.09
CA PHE A 106 -9.38 -15.79 -27.34
C PHE A 106 -8.61 -14.50 -27.56
N ASP A 107 -9.31 -13.36 -27.56
CA ASP A 107 -8.65 -12.09 -27.74
C ASP A 107 -7.99 -11.66 -26.45
N HIS A 108 -8.61 -12.00 -25.33
CA HIS A 108 -8.09 -11.61 -24.01
C HIS A 108 -8.48 -12.64 -22.97
N ILE A 109 -7.71 -12.69 -21.88
CA ILE A 109 -7.98 -13.59 -20.76
C ILE A 109 -8.09 -12.71 -19.52
N PHE A 110 -9.02 -13.05 -18.63
CA PHE A 110 -9.23 -12.29 -17.39
C PHE A 110 -9.13 -13.25 -16.19
N VAL A 111 -8.17 -13.00 -15.31
CA VAL A 111 -7.97 -13.83 -14.13
C VAL A 111 -8.16 -12.98 -12.86
N CYS A 112 -9.09 -13.38 -12.00
CA CYS A 112 -9.33 -12.62 -10.78
C CYS A 112 -9.55 -13.54 -9.59
N PHE A 113 -8.67 -13.43 -8.59
CA PHE A 113 -8.73 -14.24 -7.38
C PHE A 113 -8.67 -15.73 -7.68
N VAL A 114 -7.77 -16.10 -8.59
CA VAL A 114 -7.63 -17.51 -8.97
C VAL A 114 -6.26 -18.07 -8.56
N LEU A 115 -5.21 -17.30 -8.80
CA LEU A 115 -3.86 -17.73 -8.48
C LEU A 115 -3.64 -18.01 -7.00
N GLU A 116 -4.39 -17.31 -6.14
CA GLU A 116 -4.27 -17.50 -4.70
C GLU A 116 -4.62 -18.92 -4.22
N HIS A 117 -5.35 -19.68 -5.04
CA HIS A 117 -5.75 -21.02 -4.66
C HIS A 117 -4.93 -22.11 -5.33
N LEU A 118 -4.00 -21.71 -6.19
CA LEU A 118 -3.17 -22.65 -6.92
C LEU A 118 -1.79 -22.89 -6.32
N GLN A 119 -1.35 -24.14 -6.31
CA GLN A 119 -0.04 -24.42 -5.78
C GLN A 119 0.97 -24.26 -6.91
N SER A 120 0.46 -24.18 -8.14
CA SER A 120 1.31 -24.02 -9.30
C SER A 120 0.71 -22.96 -10.23
N PRO A 121 0.65 -21.69 -9.75
CA PRO A 121 0.11 -20.57 -10.52
C PRO A 121 0.84 -20.31 -11.82
N GLU A 122 2.17 -20.47 -11.77
CA GLU A 122 3.02 -20.28 -12.93
C GLU A 122 2.55 -21.17 -14.09
N GLU A 123 2.31 -22.45 -13.81
CA GLU A 123 1.86 -23.37 -14.85
C GLU A 123 0.46 -23.04 -15.36
N ALA A 124 -0.39 -22.53 -14.47
CA ALA A 124 -1.76 -22.16 -14.85
C ALA A 124 -1.69 -21.03 -15.89
N LEU A 125 -0.80 -20.07 -15.67
CA LEU A 125 -0.65 -18.95 -16.60
C LEU A 125 -0.13 -19.42 -17.97
N LYS A 126 0.79 -20.38 -17.95
CA LYS A 126 1.34 -20.90 -19.19
C LYS A 126 0.24 -21.62 -19.96
N SER A 127 -0.60 -22.35 -19.23
CA SER A 127 -1.69 -23.08 -19.86
C SER A 127 -2.65 -22.10 -20.53
N LEU A 128 -3.03 -21.05 -19.81
CA LEU A 128 -3.95 -20.04 -20.34
C LEU A 128 -3.34 -19.33 -21.55
N LYS A 129 -2.03 -19.13 -21.52
CA LYS A 129 -1.37 -18.44 -22.63
C LYS A 129 -1.59 -19.19 -23.94
N LYS A 130 -1.69 -20.51 -23.86
CA LYS A 130 -1.91 -21.34 -25.04
C LYS A 130 -3.16 -21.00 -25.83
N VAL A 131 -4.26 -20.70 -25.13
CA VAL A 131 -5.51 -20.40 -25.83
C VAL A 131 -5.69 -18.93 -26.16
N LEU A 132 -4.70 -18.12 -25.80
CA LEU A 132 -4.74 -16.69 -26.07
C LEU A 132 -4.15 -16.41 -27.45
N LYS A 133 -4.76 -15.49 -28.19
CA LYS A 133 -4.28 -15.14 -29.53
C LYS A 133 -3.00 -14.31 -29.47
N PRO A 134 -2.11 -14.52 -30.44
CA PRO A 134 -0.86 -13.74 -30.45
C PRO A 134 -1.24 -12.26 -30.43
N GLY A 135 -0.65 -11.49 -29.54
CA GLY A 135 -0.96 -10.08 -29.44
C GLY A 135 -2.09 -9.81 -28.47
N GLY A 136 -2.70 -10.88 -27.96
CA GLY A 136 -3.79 -10.73 -27.01
C GLY A 136 -3.22 -10.44 -25.63
N THR A 137 -4.08 -10.12 -24.67
CA THR A 137 -3.60 -9.80 -23.33
C THR A 137 -4.25 -10.64 -22.25
N ILE A 138 -3.57 -10.72 -21.12
CA ILE A 138 -4.07 -11.42 -19.95
C ILE A 138 -4.09 -10.36 -18.85
N THR A 139 -5.13 -10.36 -18.04
CA THR A 139 -5.25 -9.42 -16.94
C THR A 139 -5.37 -10.29 -15.70
N VAL A 140 -4.59 -9.95 -14.67
CA VAL A 140 -4.61 -10.71 -13.44
C VAL A 140 -4.81 -9.80 -12.25
N ILE A 141 -5.73 -10.18 -11.37
CA ILE A 141 -6.00 -9.40 -10.17
C ILE A 141 -5.99 -10.39 -9.02
N GLU A 142 -5.16 -10.12 -8.02
CA GLU A 142 -5.06 -10.99 -6.84
C GLU A 142 -4.81 -10.14 -5.62
N GLY A 143 -5.30 -10.58 -4.47
CA GLY A 143 -5.05 -9.83 -3.26
C GLY A 143 -3.73 -10.28 -2.67
N ASP A 144 -3.34 -9.66 -1.58
CA ASP A 144 -2.12 -10.04 -0.88
C ASP A 144 -2.39 -9.77 0.60
N HIS A 145 -2.76 -10.81 1.32
CA HIS A 145 -3.07 -10.69 2.74
C HIS A 145 -1.93 -10.12 3.58
N GLY A 146 -0.72 -10.18 3.05
CA GLY A 146 0.44 -9.67 3.77
C GLY A 146 0.53 -8.16 3.74
N SER A 147 -0.31 -7.52 2.92
CA SER A 147 -0.32 -6.07 2.80
C SER A 147 -1.31 -5.46 3.79
N CYS A 148 -2.03 -6.31 4.51
CA CYS A 148 -3.03 -5.83 5.44
C CYS A 148 -2.52 -5.36 6.81
N TYR A 149 -2.80 -4.10 7.13
CA TYR A 149 -2.45 -3.55 8.43
C TYR A 149 -3.54 -2.55 8.80
N PHE A 150 -3.64 -2.21 10.08
CA PHE A 150 -4.69 -1.32 10.52
C PHE A 150 -4.38 -0.62 11.83
N HIS A 151 -5.29 0.25 12.24
CA HIS A 151 -5.16 1.02 13.48
C HIS A 151 -6.53 1.09 14.15
N PRO A 152 -6.61 0.81 15.46
CA PRO A 152 -5.48 0.43 16.31
C PRO A 152 -4.91 -0.94 15.94
N GLU A 153 -3.64 -1.15 16.27
CA GLU A 153 -2.93 -2.38 15.97
C GLU A 153 -3.12 -3.44 17.04
N GLY A 154 -4.33 -3.99 17.12
CA GLY A 154 -4.61 -5.02 18.12
C GLY A 154 -3.80 -6.29 17.91
N LYS A 155 -3.10 -6.71 18.95
CA LYS A 155 -2.28 -7.92 18.86
C LYS A 155 -3.12 -9.16 18.57
N LYS A 156 -4.34 -9.18 19.08
CA LYS A 156 -5.24 -10.32 18.87
C LYS A 156 -5.86 -10.27 17.47
N ALA A 157 -6.13 -9.05 16.99
CA ALA A 157 -6.69 -8.86 15.67
C ALA A 157 -5.67 -9.35 14.65
N ILE A 158 -4.40 -9.04 14.92
CA ILE A 158 -3.31 -9.45 14.04
C ILE A 158 -3.15 -10.97 14.04
N GLU A 159 -3.31 -11.59 15.20
CA GLU A 159 -3.20 -13.03 15.29
C GLU A 159 -4.31 -13.71 14.50
N ALA A 160 -5.54 -13.21 14.65
CA ALA A 160 -6.68 -13.77 13.94
C ALA A 160 -6.48 -13.60 12.43
N TRP A 161 -6.00 -12.44 12.02
CA TRP A 161 -5.76 -12.19 10.60
C TRP A 161 -4.70 -13.15 10.06
N ASN A 162 -3.66 -13.41 10.86
CA ASN A 162 -2.61 -14.32 10.43
C ASN A 162 -3.08 -15.77 10.35
N CYS A 163 -4.21 -16.08 10.98
CA CYS A 163 -4.73 -17.44 10.93
C CYS A 163 -5.25 -17.68 9.51
N LEU A 164 -5.82 -16.63 8.92
CA LEU A 164 -6.34 -16.70 7.56
C LEU A 164 -5.18 -17.05 6.63
N ILE A 165 -4.08 -16.32 6.77
CA ILE A 165 -2.89 -16.55 5.96
C ILE A 165 -2.34 -17.96 6.18
N ARG A 166 -2.25 -18.36 7.45
CA ARG A 166 -1.72 -19.68 7.79
C ARG A 166 -2.59 -20.82 7.29
N VAL A 167 -3.90 -20.67 7.40
CA VAL A 167 -4.82 -21.70 6.95
C VAL A 167 -4.76 -21.85 5.43
N GLN A 168 -4.79 -20.74 4.69
CA GLN A 168 -4.76 -20.82 3.24
C GLN A 168 -3.46 -21.48 2.78
N ALA A 169 -2.35 -21.18 3.45
CA ALA A 169 -1.06 -21.76 3.10
C ALA A 169 -1.08 -23.27 3.34
N TYR A 170 -1.67 -23.68 4.46
CA TYR A 170 -1.76 -25.09 4.79
C TYR A 170 -2.59 -25.80 3.71
N LYS A 172 -2.54 -25.36 0.81
CA LYS A 172 -1.78 -25.30 -0.43
C LYS A 172 -2.15 -24.16 -1.39
N GLY A 173 -2.59 -23.05 -0.82
CA GLY A 173 -2.91 -21.89 -1.63
C GLY A 173 -1.88 -20.87 -1.20
N ASN A 174 -2.01 -19.62 -1.63
CA ASN A 174 -1.07 -18.59 -1.23
C ASN A 174 -1.77 -17.25 -1.25
N SER A 175 -2.23 -16.82 -0.08
CA SER A 175 -2.93 -15.55 0.06
C SER A 175 -2.01 -14.36 -0.15
N LEU A 176 -0.71 -14.62 -0.26
CA LEU A 176 0.28 -13.56 -0.47
C LEU A 176 0.77 -13.52 -1.92
N VAL A 177 0.02 -14.16 -2.83
CA VAL A 177 0.42 -14.22 -4.23
C VAL A 177 0.43 -12.90 -5.00
N GLY A 178 -0.39 -11.95 -4.58
CA GLY A 178 -0.45 -10.67 -5.26
C GLY A 178 0.88 -10.01 -5.56
N ARG A 179 1.74 -9.92 -4.56
CA ARG A 179 3.03 -9.27 -4.74
C ARG A 179 3.90 -9.93 -5.81
N GLN A 180 3.57 -11.18 -6.17
CA GLN A 180 4.33 -11.95 -7.15
C GLN A 180 3.80 -11.91 -8.58
N ILE A 181 2.75 -11.16 -8.86
CA ILE A 181 2.22 -11.18 -10.22
C ILE A 181 3.25 -10.88 -11.32
N TYR A 182 4.14 -9.92 -11.10
CA TYR A 182 5.13 -9.60 -12.12
C TYR A 182 6.02 -10.79 -12.49
N PRO A 183 6.76 -11.34 -11.51
CA PRO A 183 7.61 -12.48 -11.87
C PRO A 183 6.84 -13.70 -12.40
N LEU A 184 5.59 -13.88 -11.96
CA LEU A 184 4.80 -15.00 -12.44
C LEU A 184 4.50 -14.81 -13.93
N LEU A 185 4.14 -13.58 -14.30
CA LEU A 185 3.84 -13.28 -15.69
C LEU A 185 5.11 -13.34 -16.53
N GLN A 186 6.22 -12.95 -15.93
CA GLN A 186 7.50 -12.94 -16.64
C GLN A 186 7.97 -14.37 -16.87
N GLU A 187 7.86 -15.23 -15.87
CA GLU A 187 8.27 -16.62 -16.01
C GLU A 187 7.38 -17.36 -16.99
N SER A 188 6.10 -16.97 -17.06
CA SER A 188 5.19 -17.65 -17.98
C SER A 188 5.30 -17.17 -19.42
N GLY A 189 6.25 -16.29 -19.69
CA GLY A 189 6.48 -15.83 -21.05
C GLY A 189 5.70 -14.66 -21.64
N PHE A 190 5.04 -13.87 -20.81
CA PHE A 190 4.30 -12.72 -21.33
C PHE A 190 5.23 -11.54 -21.58
N GLU A 191 4.84 -10.68 -22.51
CA GLU A 191 5.63 -9.50 -22.86
C GLU A 191 4.86 -8.23 -22.50
N LYS A 192 5.53 -7.09 -22.58
CA LYS A 192 4.92 -5.80 -22.25
C LYS A 192 4.20 -5.89 -20.90
N ILE A 193 4.85 -6.50 -19.93
CA ILE A 193 4.24 -6.66 -18.61
C ILE A 193 4.22 -5.41 -17.75
N ARG A 194 3.11 -5.22 -17.06
CA ARG A 194 2.91 -4.08 -16.17
C ARG A 194 2.09 -4.54 -14.97
N VAL A 195 2.50 -4.12 -13.79
CA VAL A 195 1.79 -4.47 -12.56
C VAL A 195 1.69 -3.20 -11.73
N GLU A 196 0.52 -2.97 -11.15
CA GLU A 196 0.36 -1.81 -10.31
C GLU A 196 -0.53 -2.18 -9.15
N PRO A 197 -0.30 -1.57 -7.98
CA PRO A 197 -1.10 -1.88 -6.80
C PRO A 197 -2.42 -1.14 -6.88
N ARG A 198 -3.44 -1.70 -6.24
CA ARG A 198 -4.76 -1.10 -6.18
C ARG A 198 -5.04 -1.20 -4.69
N VAL A 200 -6.75 -0.28 -0.94
CA VAL A 200 -7.99 0.07 -0.26
C VAL A 200 -7.54 0.74 1.05
N TYR A 201 -7.66 2.06 1.12
CA TYR A 201 -7.28 2.80 2.32
C TYR A 201 -8.56 3.31 2.95
N ILE A 202 -8.75 3.03 4.23
CA ILE A 202 -9.98 3.43 4.90
C ILE A 202 -9.82 4.19 6.21
N ASP A 203 -10.62 5.24 6.38
CA ASP A 203 -10.66 5.97 7.64
C ASP A 203 -12.13 6.33 7.86
N SER A 204 -12.44 6.95 8.99
CA SER A 204 -13.84 7.26 9.29
C SER A 204 -14.53 8.20 8.30
N SER A 205 -13.78 8.83 7.41
CA SER A 205 -14.38 9.75 6.43
C SER A 205 -14.89 8.97 5.22
N LYS A 206 -14.76 7.65 5.26
CA LYS A 206 -15.21 6.81 4.16
C LYS A 206 -16.13 5.71 4.69
N PRO A 207 -17.28 6.10 5.25
CA PRO A 207 -18.25 5.17 5.81
C PRO A 207 -18.67 4.02 4.90
N GLU A 208 -18.69 4.26 3.59
CA GLU A 208 -19.07 3.20 2.65
C GLU A 208 -18.07 2.05 2.63
N LEU A 209 -16.78 2.38 2.71
CA LEU A 209 -15.73 1.36 2.71
C LEU A 209 -15.64 0.71 4.09
N VAL A 210 -15.83 1.49 5.14
CA VAL A 210 -15.80 0.95 6.50
C VAL A 210 -16.82 -0.18 6.59
N ASP A 211 -18.04 0.08 6.12
CA ASP A 211 -19.11 -0.90 6.17
C ASP A 211 -18.93 -2.01 5.13
N GLY A 212 -18.81 -1.60 3.87
CA GLY A 212 -18.67 -2.55 2.79
C GLY A 212 -17.41 -3.40 2.76
N PHE A 213 -16.28 -2.85 3.19
CA PHE A 213 -15.03 -3.61 3.17
C PHE A 213 -14.66 -4.22 4.52
N ILE A 214 -14.58 -3.41 5.57
CA ILE A 214 -14.20 -3.94 6.88
C ILE A 214 -15.28 -4.83 7.48
N LEU A 215 -16.48 -4.28 7.64
CA LEU A 215 -17.59 -5.01 8.23
C LEU A 215 -18.19 -6.14 7.40
N LYS A 216 -18.31 -5.95 6.10
CA LYS A 216 -18.92 -6.97 5.24
C LYS A 216 -17.99 -7.84 4.42
N THR A 217 -16.69 -7.53 4.42
CA THR A 217 -15.73 -8.33 3.66
C THR A 217 -14.64 -8.90 4.56
N ILE A 218 -13.87 -8.03 5.20
CA ILE A 218 -12.77 -8.46 6.05
C ILE A 218 -13.17 -9.34 7.24
N ILE A 219 -14.02 -8.82 8.11
CA ILE A 219 -14.39 -9.60 9.28
C ILE A 219 -15.05 -10.94 8.94
N PRO A 220 -15.99 -10.95 7.98
CA PRO A 220 -16.61 -12.24 7.64
C PRO A 220 -15.58 -13.26 7.09
N VAL A 222 -12.41 -13.46 7.91
CA VAL A 222 -11.64 -13.96 9.05
C VAL A 222 -12.50 -14.98 9.80
N GLU A 223 -13.73 -14.62 10.10
CA GLU A 223 -14.62 -15.53 10.81
C GLU A 223 -14.81 -16.82 10.03
N GLY A 224 -14.58 -16.75 8.72
CA GLY A 224 -14.71 -17.93 7.88
C GLY A 224 -13.70 -19.02 8.15
N VAL A 225 -12.61 -18.70 8.84
CA VAL A 225 -11.58 -19.70 9.15
C VAL A 225 -11.50 -20.01 10.64
N LYS A 226 -12.50 -19.59 11.40
CA LYS A 226 -12.47 -19.85 12.84
C LYS A 226 -12.46 -21.34 13.15
N GLU A 227 -13.40 -22.08 12.57
CA GLU A 227 -13.50 -23.52 12.80
C GLU A 227 -12.19 -24.26 12.52
N GLN A 228 -11.60 -24.03 11.36
CA GLN A 228 -10.35 -24.71 11.02
C GLN A 228 -9.18 -24.25 11.89
N SER A 229 -9.16 -22.97 12.24
CA SER A 229 -8.07 -22.45 13.08
C SER A 229 -8.08 -23.13 14.45
N LEU A 230 -9.26 -23.25 15.04
CA LEU A 230 -9.36 -23.89 16.35
C LEU A 230 -9.01 -25.37 16.21
N LYS A 231 -9.47 -26.01 15.13
CA LYS A 231 -9.16 -27.43 14.93
C LYS A 231 -7.66 -27.68 14.73
N GLN A 233 -5.51 -25.93 16.14
CA GLN A 233 -4.92 -25.47 17.38
C GLN A 233 -3.88 -24.37 17.22
N ILE A 234 -4.08 -23.48 16.25
CA ILE A 234 -3.14 -22.39 16.05
C ILE A 234 -3.56 -21.16 16.83
N ILE A 235 -4.73 -21.26 17.47
CA ILE A 235 -5.27 -20.17 18.27
C ILE A 235 -6.36 -20.73 19.17
N LYS A 236 -6.59 -20.08 20.31
CA LYS A 236 -7.62 -20.51 21.26
C LYS A 236 -8.90 -19.71 21.10
N GLU A 237 -10.02 -20.30 21.52
CA GLU A 237 -11.32 -19.64 21.44
C GLU A 237 -11.27 -18.24 22.06
N GLU A 238 -10.64 -18.14 23.23
CA GLU A 238 -10.51 -16.87 23.94
C GLU A 238 -9.84 -15.82 23.08
N GLU A 239 -8.62 -16.14 22.63
CA GLU A 239 -7.85 -15.24 21.78
C GLU A 239 -8.67 -14.82 20.57
N TRP A 240 -9.32 -15.78 19.92
CA TRP A 240 -10.12 -15.51 18.74
C TRP A 240 -11.22 -14.47 18.95
N GLU A 241 -12.04 -14.68 19.96
CA GLU A 241 -13.14 -13.75 20.23
C GLU A 241 -12.62 -12.33 20.46
N LYS A 242 -11.48 -12.21 21.15
CA LYS A 242 -10.90 -10.90 21.42
C LYS A 242 -10.33 -10.29 20.13
N GLY A 243 -9.84 -11.14 19.23
CA GLY A 243 -9.30 -10.66 17.98
C GLY A 243 -10.38 -10.06 17.10
N ILE A 244 -11.54 -10.70 17.07
CA ILE A 244 -12.65 -10.21 16.26
C ILE A 244 -13.06 -8.85 16.82
N GLU A 245 -13.05 -8.74 18.15
CA GLU A 245 -13.41 -7.50 18.80
C GLU A 245 -12.43 -6.39 18.42
N GLU A 246 -11.14 -6.72 18.37
CA GLU A 246 -10.13 -5.73 18.01
C GLU A 246 -10.22 -5.35 16.53
N LEU A 247 -10.67 -6.28 15.69
CA LEU A 247 -10.83 -5.97 14.28
C LEU A 247 -11.95 -4.96 14.14
N HIS A 248 -12.99 -5.10 14.96
CA HIS A 248 -14.11 -4.15 14.89
C HIS A 248 -13.67 -2.74 15.27
N LYS A 249 -12.63 -2.62 16.10
CA LYS A 249 -12.15 -1.30 16.51
C LYS A 249 -11.64 -0.49 15.32
N THR A 250 -11.16 -1.18 14.28
CA THR A 250 -10.63 -0.49 13.10
C THR A 250 -11.72 0.17 12.28
N ALA A 251 -12.97 -0.24 12.52
CA ALA A 251 -14.12 0.30 11.80
C ALA A 251 -14.88 1.32 12.65
N GLU A 252 -14.27 1.71 13.77
CA GLU A 252 -14.88 2.69 14.66
C GLU A 252 -14.16 4.01 14.53
N HIS A 253 -14.66 5.03 15.22
CA HIS A 253 -14.04 6.34 15.21
C HIS A 253 -12.58 6.17 15.64
N GLY A 254 -11.67 6.84 14.93
CA GLY A 254 -10.26 6.74 15.26
C GLY A 254 -9.53 5.59 14.57
N GLY A 255 -10.29 4.70 13.92
CA GLY A 255 -9.64 3.58 13.24
C GLY A 255 -9.35 3.78 11.76
N THR A 256 -8.34 3.09 11.26
CA THR A 256 -7.97 3.14 9.85
C THR A 256 -7.65 1.71 9.41
N PHE A 257 -7.76 1.45 8.11
CA PHE A 257 -7.53 0.11 7.58
C PHE A 257 -6.89 0.16 6.20
N CYS A 258 -5.97 -0.76 5.93
CA CYS A 258 -5.28 -0.80 4.64
C CYS A 258 -5.15 -2.23 4.10
N TYR A 259 -5.49 -2.40 2.83
CA TYR A 259 -5.36 -3.69 2.17
C TYR A 259 -4.99 -3.40 0.72
N THR A 260 -4.03 -4.14 0.18
CA THR A 260 -3.62 -3.91 -1.21
C THR A 260 -3.85 -5.10 -2.14
N PHE A 261 -4.36 -4.80 -3.33
CA PHE A 261 -4.59 -5.80 -4.37
C PHE A 261 -3.56 -5.46 -5.44
N PHE A 262 -3.21 -6.43 -6.27
CA PHE A 262 -2.27 -6.19 -7.35
C PHE A 262 -2.94 -6.52 -8.67
N LYS A 263 -2.76 -5.64 -9.64
CA LYS A 263 -3.35 -5.85 -10.97
C LYS A 263 -2.23 -5.87 -12.02
N GLY A 264 -2.15 -6.96 -12.77
CA GLY A 264 -1.12 -7.08 -13.79
C GLY A 264 -1.67 -7.37 -15.17
N TRP A 265 -0.93 -6.95 -16.18
CA TRP A 265 -1.30 -7.15 -17.58
C TRP A 265 -0.10 -7.73 -18.31
N GLY A 266 -0.37 -8.60 -19.27
CA GLY A 266 0.69 -9.19 -20.05
C GLY A 266 0.19 -9.39 -21.46
N THR A 267 1.10 -9.42 -22.42
CA THR A 267 0.73 -9.61 -23.82
C THR A 267 1.45 -10.84 -24.38
N LYS A 268 0.73 -11.65 -25.14
CA LYS A 268 1.34 -12.84 -25.73
C LYS A 268 2.14 -12.43 -26.95
N LEU B 18 21.72 11.15 1.75
CA LEU B 18 20.35 11.30 2.30
C LEU B 18 19.48 12.17 1.40
N SER B 19 20.08 13.17 0.78
CA SER B 19 19.35 14.07 -0.12
C SER B 19 18.99 13.36 -1.41
N GLU B 20 19.88 12.49 -1.89
CA GLU B 20 19.62 11.75 -3.11
C GLU B 20 18.42 10.84 -2.91
N GLN B 21 18.32 10.26 -1.72
CA GLN B 21 17.21 9.37 -1.39
C GLN B 21 15.91 10.16 -1.41
N ALA B 22 16.00 11.43 -1.02
CA ALA B 22 14.84 12.32 -1.00
C ALA B 22 14.32 12.57 -2.41
N GLU B 23 15.25 12.74 -3.35
CA GLU B 23 14.85 13.00 -4.74
C GLU B 23 14.30 11.76 -5.44
N THR B 24 14.68 10.58 -4.96
CA THR B 24 14.18 9.33 -5.53
C THR B 24 12.66 9.27 -5.42
N LEU B 25 12.12 9.82 -4.32
CA LEU B 25 10.68 9.84 -4.05
C LEU B 25 10.03 11.19 -4.36
N GLU B 26 10.82 12.10 -4.93
CA GLU B 26 10.34 13.43 -5.29
C GLU B 26 9.00 13.50 -6.02
N LYS B 27 8.92 12.86 -7.18
CA LYS B 27 7.71 12.83 -8.01
C LYS B 27 6.53 12.23 -7.25
N LEU B 28 6.79 11.14 -6.52
CA LEU B 28 5.76 10.45 -5.77
C LEU B 28 5.21 11.21 -4.56
N LEU B 29 6.10 11.72 -3.71
CA LEU B 29 5.69 12.42 -2.50
C LEU B 29 5.55 13.95 -2.47
N HIS B 30 6.48 14.63 -3.14
CA HIS B 30 6.49 16.10 -3.09
C HIS B 30 6.08 16.89 -4.31
N HIS B 31 6.07 16.25 -5.48
CA HIS B 31 5.72 16.98 -6.69
C HIS B 31 4.42 17.75 -6.60
N ASP B 32 3.40 17.19 -5.97
CA ASP B 32 2.11 17.91 -5.88
C ASP B 32 2.05 18.98 -4.77
N THR B 33 3.10 19.07 -3.96
CA THR B 33 3.13 20.07 -2.91
C THR B 33 3.59 21.41 -3.49
N VAL B 34 2.64 22.17 -4.00
CA VAL B 34 2.89 23.46 -4.60
C VAL B 34 1.92 24.48 -4.03
N TYR B 35 2.45 25.46 -3.30
CA TYR B 35 1.61 26.49 -2.70
C TYR B 35 1.52 27.69 -3.63
N PRO B 36 0.49 28.53 -3.45
CA PRO B 36 0.36 29.71 -4.32
C PRO B 36 1.50 30.70 -4.09
N PRO B 37 1.81 31.53 -5.09
CA PRO B 37 2.89 32.52 -4.96
C PRO B 37 2.75 33.39 -3.72
N GLY B 38 3.89 33.69 -3.08
CA GLY B 38 3.88 34.53 -1.90
C GLY B 38 3.43 33.91 -0.59
N ALA B 39 3.26 32.59 -0.57
CA ALA B 39 2.82 31.92 0.64
C ALA B 39 3.91 31.80 1.71
N LYS B 40 3.55 32.09 2.95
CA LYS B 40 4.49 31.96 4.07
C LYS B 40 4.28 30.55 4.59
N VAL B 41 5.30 29.73 4.43
CA VAL B 41 5.22 28.33 4.84
C VAL B 41 6.21 27.98 5.92
N LEU B 42 5.77 27.16 6.86
CA LEU B 42 6.62 26.70 7.95
C LEU B 42 6.91 25.22 7.77
N GLU B 43 8.19 24.86 7.75
CA GLU B 43 8.58 23.45 7.63
C GLU B 43 8.86 23.02 9.07
N ALA B 44 7.97 22.19 9.61
CA ALA B 44 8.03 21.71 11.00
C ALA B 44 9.30 21.02 11.48
N GLY B 45 10.02 20.36 10.58
CA GLY B 45 11.24 19.67 10.97
C GLY B 45 12.09 19.44 9.74
N CYS B 46 13.00 20.37 9.47
CA CYS B 46 13.85 20.28 8.29
C CYS B 46 15.00 19.29 8.39
N GLY B 47 15.41 18.96 9.60
CA GLY B 47 16.52 18.04 9.76
C GLY B 47 17.73 18.55 8.99
N ILE B 48 18.33 17.69 8.18
CA ILE B 48 19.51 18.05 7.40
C ILE B 48 19.15 18.76 6.10
N GLY B 49 17.86 19.03 5.91
CA GLY B 49 17.40 19.75 4.72
C GLY B 49 17.07 18.96 3.47
N ALA B 50 16.85 17.66 3.59
CA ALA B 50 16.52 16.85 2.42
C ALA B 50 15.21 17.33 1.79
N GLN B 51 14.21 17.59 2.63
CA GLN B 51 12.91 18.04 2.14
C GLN B 51 12.93 19.55 1.89
N THR B 52 13.76 20.27 2.63
CA THR B 52 13.85 21.72 2.47
C THR B 52 14.21 22.11 1.04
N VAL B 53 15.23 21.45 0.50
CA VAL B 53 15.69 21.72 -0.85
C VAL B 53 14.62 21.47 -1.90
N ILE B 54 13.88 20.37 -1.75
CA ILE B 54 12.82 20.02 -2.69
C ILE B 54 11.63 20.98 -2.56
N LEU B 55 11.22 21.24 -1.32
CA LEU B 55 10.11 22.14 -1.07
C LEU B 55 10.39 23.53 -1.62
N ALA B 56 11.60 24.02 -1.39
CA ALA B 56 12.02 25.34 -1.85
C ALA B 56 12.10 25.45 -3.36
N LYS B 57 12.62 24.41 -4.02
CA LYS B 57 12.74 24.42 -5.47
C LYS B 57 11.39 24.39 -6.15
N ASN B 58 10.44 23.66 -5.55
CA ASN B 58 9.11 23.58 -6.13
C ASN B 58 8.28 24.82 -5.81
N ASN B 59 8.77 25.62 -4.87
CA ASN B 59 8.07 26.84 -4.47
C ASN B 59 8.99 28.05 -4.33
N PRO B 60 9.57 28.52 -5.46
CA PRO B 60 10.47 29.67 -5.44
C PRO B 60 9.83 30.99 -5.00
N ASP B 61 8.51 31.07 -5.11
CA ASP B 61 7.80 32.29 -4.71
C ASP B 61 7.23 32.23 -3.30
N ALA B 62 7.59 31.19 -2.56
CA ALA B 62 7.11 31.06 -1.19
C ALA B 62 8.17 31.55 -0.21
N GLU B 63 7.73 32.02 0.95
CA GLU B 63 8.65 32.48 1.99
C GLU B 63 8.66 31.33 2.99
N ILE B 64 9.74 30.56 2.98
CA ILE B 64 9.86 29.40 3.84
C ILE B 64 10.67 29.60 5.12
N THR B 65 10.10 29.18 6.24
CA THR B 65 10.77 29.25 7.51
C THR B 65 10.91 27.80 7.93
N SER B 66 12.15 27.32 8.02
CA SER B 66 12.41 25.93 8.40
C SER B 66 12.97 25.84 9.81
N ILE B 67 12.38 24.98 10.63
CA ILE B 67 12.83 24.82 12.01
C ILE B 67 13.25 23.39 12.33
N ASP B 68 14.04 23.26 13.39
CA ASP B 68 14.51 21.96 13.86
C ASP B 68 15.01 22.20 15.28
N ILE B 69 14.97 21.15 16.09
CA ILE B 69 15.42 21.28 17.47
C ILE B 69 16.94 21.16 17.57
N SER B 70 17.58 20.66 16.51
CA SER B 70 19.02 20.49 16.51
C SER B 70 19.81 21.58 15.80
N PRO B 71 20.74 22.23 16.54
CA PRO B 71 21.56 23.30 15.98
C PRO B 71 22.44 22.72 14.86
N GLU B 72 23.03 21.55 15.12
CA GLU B 72 23.88 20.89 14.15
C GLU B 72 23.12 20.70 12.83
N SER B 73 21.94 20.10 12.93
CA SER B 73 21.11 19.85 11.75
C SER B 73 20.83 21.12 10.95
N LEU B 74 20.43 22.19 11.62
CA LEU B 74 20.13 23.45 10.94
C LEU B 74 21.33 23.93 10.14
N GLU B 75 22.52 23.82 10.72
CA GLU B 75 23.74 24.24 10.04
C GLU B 75 23.88 23.46 8.74
N LYS B 76 23.66 22.15 8.82
CA LYS B 76 23.76 21.29 7.65
C LYS B 76 22.68 21.62 6.63
N ALA B 77 21.48 21.94 7.13
CA ALA B 77 20.37 22.29 6.26
C ALA B 77 20.69 23.58 5.49
N ARG B 78 21.29 24.53 6.20
CA ARG B 78 21.66 25.80 5.59
C ARG B 78 22.71 25.54 4.51
N GLU B 79 23.65 24.65 4.79
CA GLU B 79 24.69 24.31 3.82
C GLU B 79 24.04 23.73 2.58
N ASN B 80 23.04 22.88 2.81
CA ASN B 80 22.33 22.21 1.73
C ASN B 80 21.58 23.19 0.82
N THR B 81 20.82 24.11 1.42
CA THR B 81 20.06 25.07 0.62
C THR B 81 21.00 26.04 -0.08
N GLU B 82 22.11 26.37 0.57
CA GLU B 82 23.10 27.28 0.02
C GLU B 82 23.71 26.68 -1.24
N LYS B 83 24.09 25.41 -1.16
CA LYS B 83 24.69 24.70 -2.28
C LYS B 83 23.70 24.57 -3.43
N ASN B 84 22.42 24.54 -3.11
CA ASN B 84 21.38 24.41 -4.11
C ASN B 84 20.82 25.74 -4.60
N GLY B 85 21.51 26.82 -4.26
CA GLY B 85 21.11 28.15 -4.70
C GLY B 85 19.76 28.66 -4.23
N ILE B 86 19.27 28.13 -3.11
CA ILE B 86 17.98 28.56 -2.57
C ILE B 86 18.13 29.88 -1.82
N LYS B 87 17.18 30.79 -2.05
CA LYS B 87 17.21 32.11 -1.41
C LYS B 87 15.97 32.42 -0.58
N ASN B 88 14.95 31.57 -0.68
CA ASN B 88 13.70 31.81 0.04
C ASN B 88 13.46 31.03 1.34
N VAL B 89 14.53 30.60 2.00
CA VAL B 89 14.40 29.86 3.25
C VAL B 89 15.14 30.52 4.42
N LYS B 90 14.45 30.61 5.55
CA LYS B 90 15.01 31.17 6.77
C LYS B 90 15.03 30.03 7.78
N PHE B 91 16.18 29.82 8.43
CA PHE B 91 16.31 28.74 9.41
C PHE B 91 16.21 29.24 10.84
N LEU B 92 15.61 28.44 11.71
CA LEU B 92 15.46 28.83 13.11
C LEU B 92 15.37 27.62 14.03
N GLN B 93 16.16 27.62 15.10
CA GLN B 93 16.12 26.52 16.06
C GLN B 93 14.86 26.74 16.89
N ALA B 94 14.10 25.67 17.14
CA ALA B 94 12.88 25.79 17.92
C ALA B 94 12.29 24.46 18.33
N ASN B 95 11.44 24.50 19.36
CA ASN B 95 10.76 23.32 19.87
C ASN B 95 9.37 23.33 19.24
N ILE B 96 9.05 22.27 18.51
CA ILE B 96 7.76 22.19 17.84
C ILE B 96 6.59 22.31 18.83
N PHE B 97 6.83 21.96 20.10
CA PHE B 97 5.79 22.01 21.12
C PHE B 97 5.57 23.40 21.73
N SER B 98 6.50 24.31 21.46
CA SER B 98 6.39 25.67 21.97
C SER B 98 7.06 26.61 20.98
N LEU B 99 6.40 26.84 19.85
CA LEU B 99 6.92 27.72 18.81
C LEU B 99 7.04 29.15 19.28
N PRO B 100 8.08 29.85 18.80
CA PRO B 100 8.34 31.25 19.17
C PRO B 100 7.54 32.22 18.30
N PHE B 101 6.88 31.68 17.28
CA PHE B 101 6.10 32.48 16.35
C PHE B 101 4.78 32.98 16.90
N GLU B 102 4.28 34.05 16.28
CA GLU B 102 3.02 34.65 16.66
C GLU B 102 1.91 33.72 16.17
N ASP B 103 0.74 33.81 16.80
CA ASP B 103 -0.36 32.96 16.39
C ASP B 103 -0.83 33.39 15.01
N SER B 104 -1.36 32.42 14.24
CA SER B 104 -1.86 32.68 12.90
C SER B 104 -0.90 33.52 12.06
N SER B 105 0.37 33.15 12.07
CA SER B 105 1.38 33.90 11.32
C SER B 105 1.84 33.24 10.03
N PHE B 106 1.40 31.99 9.80
CA PHE B 106 1.77 31.25 8.60
C PHE B 106 0.56 30.90 7.74
N ASP B 107 0.76 30.86 6.42
CA ASP B 107 -0.33 30.51 5.50
C ASP B 107 -0.45 28.99 5.40
N HIS B 108 0.67 28.29 5.55
CA HIS B 108 0.66 26.82 5.46
C HIS B 108 1.73 26.19 6.34
N ILE B 109 1.51 24.95 6.72
CA ILE B 109 2.46 24.19 7.54
C ILE B 109 2.79 22.92 6.75
N PHE B 110 4.07 22.58 6.66
CA PHE B 110 4.53 21.39 5.94
C PHE B 110 5.26 20.49 6.93
N VAL B 111 4.67 19.32 7.17
CA VAL B 111 5.22 18.34 8.10
C VAL B 111 5.61 17.09 7.31
N CYS B 112 6.89 16.73 7.35
CA CYS B 112 7.36 15.56 6.62
C CYS B 112 8.38 14.78 7.44
N PHE B 113 8.02 13.54 7.77
CA PHE B 113 8.88 12.67 8.57
C PHE B 113 9.20 13.33 9.91
N VAL B 114 8.17 13.85 10.56
CA VAL B 114 8.34 14.50 11.85
C VAL B 114 7.64 13.72 12.95
N LEU B 115 6.37 13.40 12.73
CA LEU B 115 5.58 12.67 13.71
C LEU B 115 6.14 11.31 14.10
N GLU B 116 6.88 10.68 13.19
CA GLU B 116 7.46 9.38 13.47
C GLU B 116 8.43 9.39 14.65
N HIS B 117 9.03 10.55 14.91
CA HIS B 117 9.98 10.68 16.02
C HIS B 117 9.34 11.19 17.31
N LEU B 118 8.03 11.35 17.32
CA LEU B 118 7.35 11.87 18.51
C LEU B 118 6.58 10.85 19.34
N GLN B 119 6.29 11.25 20.57
CA GLN B 119 5.56 10.40 21.50
C GLN B 119 4.14 10.94 21.60
N SER B 120 3.99 12.25 21.42
CA SER B 120 2.69 12.90 21.49
C SER B 120 2.48 13.68 20.19
N PRO B 121 2.30 12.97 19.06
CA PRO B 121 2.09 13.58 17.74
C PRO B 121 0.93 14.58 17.73
N GLU B 122 -0.17 14.20 18.37
CA GLU B 122 -1.35 15.04 18.44
C GLU B 122 -1.02 16.41 19.01
N GLU B 123 -0.24 16.43 20.08
CA GLU B 123 0.14 17.68 20.72
C GLU B 123 0.96 18.57 19.79
N ALA B 124 1.82 17.96 18.99
CA ALA B 124 2.65 18.69 18.04
C ALA B 124 1.78 19.34 16.97
N LEU B 125 0.74 18.64 16.54
CA LEU B 125 -0.17 19.17 15.52
C LEU B 125 -1.03 20.29 16.07
N LYS B 126 -1.39 20.19 17.34
CA LYS B 126 -2.20 21.24 17.97
C LYS B 126 -1.32 22.47 18.16
N SER B 127 -0.05 22.24 18.44
CA SER B 127 0.89 23.34 18.63
C SER B 127 1.09 24.06 17.29
N LEU B 128 1.29 23.29 16.22
CA LEU B 128 1.46 23.87 14.90
C LEU B 128 0.21 24.62 14.46
N LYS B 129 -0.95 24.05 14.77
CA LYS B 129 -2.20 24.68 14.38
C LYS B 129 -2.30 26.12 14.89
N LYS B 130 -1.69 26.37 16.05
CA LYS B 130 -1.70 27.69 16.65
C LYS B 130 -1.04 28.76 15.79
N VAL B 131 0.08 28.43 15.15
CA VAL B 131 0.78 29.40 14.33
C VAL B 131 0.29 29.46 12.88
N LEU B 132 -0.69 28.62 12.56
CA LEU B 132 -1.28 28.58 11.22
C LEU B 132 -2.50 29.50 11.23
N LYS B 133 -2.71 30.24 10.16
CA LYS B 133 -3.87 31.12 10.12
C LYS B 133 -5.15 30.41 9.69
N PRO B 134 -6.30 30.93 10.12
CA PRO B 134 -7.58 30.32 9.75
C PRO B 134 -7.67 30.26 8.23
N GLY B 135 -8.05 29.11 7.69
CA GLY B 135 -8.15 28.95 6.25
C GLY B 135 -6.89 28.38 5.65
N GLY B 136 -5.81 28.40 6.43
CA GLY B 136 -4.54 27.87 5.96
C GLY B 136 -4.57 26.35 5.99
N THR B 137 -3.54 25.72 5.44
CA THR B 137 -3.50 24.26 5.41
C THR B 137 -2.25 23.68 6.03
N ILE B 138 -2.33 22.40 6.36
CA ILE B 138 -1.19 21.69 6.91
C ILE B 138 -1.07 20.45 6.02
N THR B 139 0.17 20.08 5.70
CA THR B 139 0.42 18.91 4.88
C THR B 139 1.32 18.00 5.68
N VAL B 140 0.92 16.74 5.82
CA VAL B 140 1.69 15.79 6.60
C VAL B 140 2.08 14.58 5.76
N ILE B 141 3.36 14.24 5.78
CA ILE B 141 3.87 13.09 5.04
C ILE B 141 4.67 12.24 6.02
N GLU B 142 4.22 11.01 6.24
CA GLU B 142 4.91 10.11 7.15
C GLU B 142 4.97 8.72 6.54
N GLY B 143 5.99 7.97 6.92
CA GLY B 143 6.08 6.61 6.41
C GLY B 143 5.35 5.70 7.38
N ASP B 144 5.28 4.42 7.03
CA ASP B 144 4.66 3.43 7.89
C ASP B 144 5.39 2.13 7.62
N HIS B 145 6.33 1.80 8.50
CA HIS B 145 7.12 0.59 8.36
C HIS B 145 6.30 -0.69 8.40
N GLY B 146 5.07 -0.60 8.92
CA GLY B 146 4.22 -1.77 8.96
C GLY B 146 3.66 -2.11 7.59
N SER B 147 3.89 -1.22 6.62
CA SER B 147 3.38 -1.42 5.26
C SER B 147 4.41 -2.10 4.37
N CYS B 148 5.59 -2.36 4.91
CA CYS B 148 6.66 -2.98 4.17
C CYS B 148 6.62 -4.51 4.07
N TYR B 149 6.49 -5.01 2.84
CA TYR B 149 6.50 -6.44 2.59
C TYR B 149 7.18 -6.66 1.25
N PHE B 150 7.69 -7.87 1.02
CA PHE B 150 8.44 -8.12 -0.19
C PHE B 150 8.50 -9.58 -0.58
N HIS B 151 9.13 -9.85 -1.72
CA HIS B 151 9.27 -11.21 -2.23
C HIS B 151 10.68 -11.36 -2.83
N PRO B 152 11.37 -12.46 -2.50
CA PRO B 152 10.92 -13.53 -1.62
C PRO B 152 10.75 -13.09 -0.17
N GLU B 153 9.86 -13.78 0.54
CA GLU B 153 9.55 -13.46 1.93
C GLU B 153 10.56 -14.07 2.91
N GLY B 154 11.83 -13.67 2.80
CA GLY B 154 12.83 -14.22 3.71
C GLY B 154 12.51 -13.92 5.16
N LYS B 155 12.46 -14.95 6.00
CA LYS B 155 12.15 -14.74 7.41
C LYS B 155 13.22 -13.93 8.15
N LYS B 156 14.48 -14.09 7.77
CA LYS B 156 15.54 -13.32 8.41
C LYS B 156 15.43 -11.87 7.94
N ALA B 157 15.11 -11.69 6.66
CA ALA B 157 14.96 -10.34 6.12
C ALA B 157 13.82 -9.64 6.87
N ILE B 158 12.77 -10.39 7.20
CA ILE B 158 11.63 -9.83 7.92
C ILE B 158 12.06 -9.48 9.35
N GLU B 159 12.89 -10.33 9.96
CA GLU B 159 13.36 -10.09 11.32
C GLU B 159 14.23 -8.84 11.38
N ALA B 160 15.10 -8.68 10.37
CA ALA B 160 15.99 -7.52 10.31
C ALA B 160 15.16 -6.25 10.21
N TRP B 161 14.20 -6.25 9.29
CA TRP B 161 13.34 -5.09 9.09
C TRP B 161 12.61 -4.72 10.38
N ASN B 162 12.06 -5.72 11.07
CA ASN B 162 11.34 -5.47 12.31
C ASN B 162 12.24 -4.85 13.38
N CYS B 163 13.55 -5.00 13.24
CA CYS B 163 14.46 -4.41 14.22
C CYS B 163 14.36 -2.89 14.11
N LEU B 164 14.16 -2.38 12.90
CA LEU B 164 14.01 -0.94 12.69
C LEU B 164 12.80 -0.42 13.45
N ILE B 165 11.70 -1.17 13.37
CA ILE B 165 10.48 -0.78 14.05
C ILE B 165 10.68 -0.79 15.57
N ARG B 166 11.29 -1.87 16.06
CA ARG B 166 11.54 -2.03 17.48
C ARG B 166 12.49 -0.98 18.06
N VAL B 167 13.54 -0.65 17.32
CA VAL B 167 14.51 0.34 17.80
C VAL B 167 13.86 1.72 17.87
N GLN B 168 13.10 2.09 16.85
CA GLN B 168 12.43 3.38 16.83
C GLN B 168 11.46 3.48 18.00
N ALA B 169 10.76 2.39 18.28
CA ALA B 169 9.80 2.37 19.38
C ALA B 169 10.58 2.55 20.69
N TYR B 170 11.72 1.88 20.79
CA TYR B 170 12.55 1.98 21.98
C TYR B 170 12.97 3.42 22.18
N LYS B 172 11.38 5.88 21.70
CA LYS B 172 10.16 6.66 21.94
C LYS B 172 9.49 7.28 20.72
N GLY B 173 9.69 6.67 19.56
CA GLY B 173 9.06 7.16 18.35
C GLY B 173 8.08 6.10 17.87
N ASN B 174 7.48 6.30 16.71
CA ASN B 174 6.54 5.33 16.16
C ASN B 174 6.65 5.33 14.65
N SER B 175 7.37 4.34 14.12
CA SER B 175 7.56 4.22 12.68
C SER B 175 6.27 3.82 11.96
N LEU B 176 5.24 3.47 12.73
CA LEU B 176 3.96 3.07 12.16
C LEU B 176 2.94 4.21 12.14
N VAL B 177 3.40 5.44 12.36
CA VAL B 177 2.47 6.57 12.42
C VAL B 177 1.69 6.92 11.16
N GLY B 178 2.28 6.67 10.00
CA GLY B 178 1.62 7.00 8.75
C GLY B 178 0.15 6.62 8.67
N ARG B 179 -0.17 5.39 9.07
CA ARG B 179 -1.54 4.90 9.00
C ARG B 179 -2.57 5.67 9.82
N GLN B 180 -2.12 6.44 10.81
CA GLN B 180 -3.07 7.18 11.65
C GLN B 180 -3.06 8.69 11.49
N ILE B 181 -2.60 9.17 10.35
CA ILE B 181 -2.56 10.61 10.13
C ILE B 181 -3.97 11.21 10.10
N TYR B 182 -4.94 10.47 9.59
CA TYR B 182 -6.31 11.00 9.55
C TYR B 182 -6.83 11.23 10.97
N PRO B 183 -6.82 10.20 11.83
CA PRO B 183 -7.32 10.48 13.18
C PRO B 183 -6.49 11.51 13.94
N LEU B 184 -5.19 11.58 13.65
CA LEU B 184 -4.34 12.56 14.31
C LEU B 184 -4.78 13.96 13.92
N LEU B 185 -5.02 14.14 12.62
CA LEU B 185 -5.47 15.43 12.10
C LEU B 185 -6.88 15.71 12.62
N GLN B 186 -7.70 14.66 12.68
CA GLN B 186 -9.08 14.80 13.14
C GLN B 186 -9.15 15.26 14.60
N GLU B 187 -8.41 14.56 15.46
CA GLU B 187 -8.40 14.91 16.89
C GLU B 187 -7.70 16.25 17.12
N SER B 188 -6.84 16.65 16.18
CA SER B 188 -6.12 17.92 16.28
C SER B 188 -7.04 19.11 16.00
N GLY B 189 -8.24 18.82 15.52
CA GLY B 189 -9.19 19.89 15.24
C GLY B 189 -9.22 20.44 13.82
N PHE B 190 -8.53 19.78 12.89
CA PHE B 190 -8.54 20.26 11.50
C PHE B 190 -9.82 19.87 10.78
N GLU B 191 -10.13 20.59 9.71
CA GLU B 191 -11.33 20.33 8.91
C GLU B 191 -10.93 20.00 7.47
N LYS B 192 -11.89 19.53 6.69
CA LYS B 192 -11.67 19.18 5.29
C LYS B 192 -10.43 18.31 5.15
N ILE B 193 -10.33 17.31 6.02
CA ILE B 193 -9.20 16.40 6.04
C ILE B 193 -9.28 15.34 4.95
N ARG B 194 -8.13 15.05 4.33
CA ARG B 194 -8.03 14.03 3.29
C ARG B 194 -6.68 13.37 3.43
N VAL B 195 -6.68 12.04 3.43
CA VAL B 195 -5.44 11.29 3.54
C VAL B 195 -5.42 10.27 2.43
N GLU B 196 -4.27 10.09 1.79
CA GLU B 196 -4.18 9.10 0.74
C GLU B 196 -2.80 8.47 0.78
N PRO B 197 -2.74 7.18 0.44
CA PRO B 197 -1.44 6.50 0.44
C PRO B 197 -0.64 6.88 -0.81
N ARG B 198 0.68 6.81 -0.69
CA ARG B 198 1.59 7.08 -1.80
C ARG B 198 2.48 5.84 -1.70
N VAL B 200 5.20 2.80 -2.93
CA VAL B 200 6.39 2.51 -3.71
C VAL B 200 6.31 1.02 -4.04
N TYR B 201 5.97 0.70 -5.29
CA TYR B 201 5.88 -0.69 -5.70
C TYR B 201 7.03 -0.96 -6.66
N ILE B 202 7.80 -2.01 -6.40
CA ILE B 202 8.95 -2.32 -7.23
C ILE B 202 9.04 -3.76 -7.72
N ASP B 203 9.45 -3.94 -8.97
CA ASP B 203 9.71 -5.26 -9.54
C ASP B 203 10.91 -5.06 -10.46
N SER B 204 11.44 -6.13 -11.04
CA SER B 204 12.63 -5.99 -11.88
C SER B 204 12.52 -5.07 -13.09
N SER B 205 11.30 -4.71 -13.49
CA SER B 205 11.13 -3.82 -14.64
C SER B 205 11.32 -2.36 -14.26
N LYS B 206 11.64 -2.10 -13.00
CA LYS B 206 11.86 -0.75 -12.50
C LYS B 206 13.23 -0.66 -11.84
N PRO B 207 14.30 -0.82 -12.64
CA PRO B 207 15.67 -0.78 -12.15
C PRO B 207 16.08 0.48 -11.38
N GLU B 208 15.52 1.63 -11.77
CA GLU B 208 15.84 2.88 -11.09
C GLU B 208 15.39 2.85 -9.63
N LEU B 209 14.22 2.28 -9.39
CA LEU B 209 13.68 2.17 -8.03
C LEU B 209 14.36 1.04 -7.27
N VAL B 210 14.70 -0.03 -7.98
CA VAL B 210 15.36 -1.16 -7.33
C VAL B 210 16.65 -0.64 -6.69
N ASP B 211 17.46 0.05 -7.48
CA ASP B 211 18.73 0.58 -6.98
C ASP B 211 18.54 1.76 -6.04
N GLY B 212 17.75 2.74 -6.47
CA GLY B 212 17.52 3.92 -5.65
C GLY B 212 16.79 3.71 -4.34
N PHE B 213 15.75 2.87 -4.34
CA PHE B 213 14.98 2.65 -3.12
C PHE B 213 15.39 1.43 -2.29
N ILE B 214 15.48 0.25 -2.90
CA ILE B 214 15.85 -0.92 -2.12
C ILE B 214 17.32 -0.90 -1.68
N LEU B 215 18.23 -0.81 -2.64
CA LEU B 215 19.65 -0.84 -2.34
C LEU B 215 20.21 0.42 -1.70
N LYS B 216 19.72 1.59 -2.07
CA LYS B 216 20.27 2.83 -1.50
C LYS B 216 19.43 3.53 -0.46
N THR B 217 18.26 2.98 -0.14
CA THR B 217 17.43 3.58 0.88
C THR B 217 17.06 2.57 1.96
N ILE B 218 16.38 1.51 1.56
CA ILE B 218 15.95 0.46 2.48
C ILE B 218 17.09 -0.25 3.22
N ILE B 219 17.97 -0.89 2.47
CA ILE B 219 19.07 -1.62 3.10
C ILE B 219 19.96 -0.74 3.98
N PRO B 220 20.36 0.45 3.48
CA PRO B 220 21.20 1.28 4.34
C PRO B 220 20.47 1.66 5.64
N VAL B 222 18.23 -0.13 7.30
CA VAL B 222 18.20 -1.27 8.21
C VAL B 222 19.60 -1.41 8.84
N GLU B 223 20.62 -1.32 8.02
CA GLU B 223 22.01 -1.43 8.48
C GLU B 223 22.24 -0.40 9.59
N GLY B 224 21.58 0.74 9.46
CA GLY B 224 21.72 1.81 10.44
C GLY B 224 21.34 1.46 11.87
N VAL B 225 20.71 0.32 12.09
CA VAL B 225 20.32 -0.08 13.44
C VAL B 225 20.89 -1.42 13.86
N LYS B 226 21.85 -1.92 13.10
CA LYS B 226 22.46 -3.21 13.40
C LYS B 226 23.08 -3.29 14.80
N GLU B 227 24.02 -2.38 15.08
CA GLU B 227 24.68 -2.38 16.38
C GLU B 227 23.74 -2.11 17.54
N GLN B 228 22.76 -1.24 17.31
CA GLN B 228 21.78 -0.91 18.34
C GLN B 228 20.93 -2.15 18.64
N SER B 229 20.61 -2.91 17.59
CA SER B 229 19.81 -4.12 17.73
C SER B 229 20.61 -5.20 18.42
N LEU B 230 21.90 -5.28 18.09
CA LEU B 230 22.78 -6.28 18.67
C LEU B 230 22.92 -6.04 20.17
N LYS B 231 22.98 -4.77 20.55
CA LYS B 231 23.12 -4.40 21.95
C LYS B 231 21.83 -4.68 22.72
N GLN B 233 20.08 -6.86 22.05
CA GLN B 233 20.02 -8.31 21.97
C GLN B 233 18.67 -8.82 21.51
N ILE B 234 18.16 -8.23 20.43
CA ILE B 234 16.89 -8.65 19.87
C ILE B 234 17.14 -9.45 18.59
N ILE B 235 18.41 -9.74 18.33
CA ILE B 235 18.82 -10.50 17.16
C ILE B 235 20.31 -10.84 17.25
N LYS B 236 20.74 -11.89 16.55
CA LYS B 236 22.14 -12.30 16.56
C LYS B 236 22.88 -11.82 15.32
N GLU B 237 24.19 -11.64 15.46
CA GLU B 237 25.02 -11.17 14.35
C GLU B 237 24.87 -12.05 13.12
N GLU B 238 24.64 -13.34 13.34
CA GLU B 238 24.47 -14.29 12.24
C GLU B 238 23.19 -14.07 11.46
N GLU B 239 22.05 -14.21 12.13
CA GLU B 239 20.76 -14.02 11.48
C GLU B 239 20.63 -12.62 10.89
N TRP B 240 21.31 -11.65 11.50
CA TRP B 240 21.26 -10.30 10.99
C TRP B 240 21.90 -10.26 9.62
N GLU B 241 23.06 -10.90 9.50
CA GLU B 241 23.77 -10.95 8.22
C GLU B 241 22.93 -11.69 7.17
N LYS B 242 22.31 -12.79 7.59
CA LYS B 242 21.47 -13.57 6.68
C LYS B 242 20.29 -12.70 6.27
N GLY B 243 19.78 -11.92 7.20
CA GLY B 243 18.65 -11.05 6.91
C GLY B 243 18.97 -10.01 5.86
N ILE B 244 20.19 -9.46 5.91
CA ILE B 244 20.62 -8.45 4.94
C ILE B 244 20.72 -9.10 3.57
N GLU B 245 21.27 -10.31 3.54
CA GLU B 245 21.42 -11.04 2.29
C GLU B 245 20.05 -11.33 1.68
N GLU B 246 19.07 -11.63 2.53
CA GLU B 246 17.73 -11.93 2.03
C GLU B 246 17.06 -10.66 1.51
N LEU B 247 17.37 -9.51 2.10
CA LEU B 247 16.79 -8.26 1.65
C LEU B 247 17.31 -7.96 0.25
N HIS B 248 18.58 -8.28 0.02
CA HIS B 248 19.21 -8.06 -1.28
C HIS B 248 18.52 -8.86 -2.38
N LYS B 249 18.01 -10.03 -2.01
CA LYS B 249 17.35 -10.89 -2.98
C LYS B 249 16.08 -10.24 -3.55
N THR B 250 15.46 -9.34 -2.80
CA THR B 250 14.26 -8.67 -3.28
C THR B 250 14.60 -7.65 -4.38
N ALA B 251 15.89 -7.35 -4.51
CA ALA B 251 16.36 -6.39 -5.52
C ALA B 251 16.97 -7.12 -6.71
N GLU B 252 16.73 -8.42 -6.81
CA GLU B 252 17.28 -9.20 -7.90
C GLU B 252 16.17 -9.82 -8.75
N HIS B 253 16.55 -10.58 -9.78
CA HIS B 253 15.56 -11.19 -10.65
C HIS B 253 14.55 -12.01 -9.84
N GLY B 254 13.27 -11.76 -10.08
CA GLY B 254 12.22 -12.47 -9.37
C GLY B 254 11.70 -11.74 -8.15
N GLY B 255 12.45 -10.76 -7.67
CA GLY B 255 12.04 -10.02 -6.49
C GLY B 255 11.11 -8.83 -6.68
N THR B 256 10.32 -8.57 -5.65
CA THR B 256 9.41 -7.43 -5.68
C THR B 256 9.45 -6.82 -4.29
N PHE B 257 9.09 -5.55 -4.19
CA PHE B 257 9.15 -4.84 -2.92
C PHE B 257 8.02 -3.81 -2.83
N CYS B 258 7.48 -3.63 -1.64
CA CYS B 258 6.39 -2.68 -1.44
C CYS B 258 6.58 -1.88 -0.16
N TYR B 259 6.28 -0.59 -0.24
CA TYR B 259 6.39 0.29 0.92
C TYR B 259 5.39 1.42 0.70
N THR B 260 4.63 1.76 1.73
CA THR B 260 3.64 2.83 1.57
C THR B 260 3.84 4.01 2.52
N PHE B 261 3.66 5.21 1.97
CA PHE B 261 3.76 6.46 2.73
C PHE B 261 2.34 6.99 2.75
N PHE B 262 2.04 7.87 3.71
CA PHE B 262 0.72 8.46 3.80
C PHE B 262 0.87 9.95 3.76
N LYS B 263 0.03 10.61 2.96
CA LYS B 263 0.07 12.05 2.84
C LYS B 263 -1.32 12.59 3.17
N GLY B 264 -1.39 13.53 4.11
CA GLY B 264 -2.65 14.09 4.49
C GLY B 264 -2.68 15.60 4.40
N TRP B 265 -3.88 16.16 4.26
CA TRP B 265 -4.07 17.59 4.17
C TRP B 265 -5.15 17.96 5.16
N GLY B 266 -4.99 19.11 5.79
CA GLY B 266 -5.96 19.59 6.74
C GLY B 266 -6.03 21.10 6.63
N THR B 267 -7.18 21.67 6.99
CA THR B 267 -7.38 23.11 6.93
C THR B 267 -7.78 23.61 8.30
N LYS B 268 -7.17 24.70 8.75
CA LYS B 268 -7.53 25.27 10.04
C LYS B 268 -8.88 25.97 9.89
N GLU B 269 -9.83 25.62 10.76
CA GLU B 269 -11.16 26.19 10.72
C GLU B 269 -11.17 27.62 11.26
N GLY B 270 -12.06 28.45 10.71
CA GLY B 270 -12.21 29.82 11.15
C GLY B 270 -13.68 30.12 11.32
#